data_6OS6
#
_entry.id   6OS6
#
_cell.length_a   129.446
_cell.length_b   129.446
_cell.length_c   49.777
_cell.angle_alpha   90.000
_cell.angle_beta   90.000
_cell.angle_gamma   90.000
#
_symmetry.space_group_name_H-M   'I 4'
#
loop_
_entity.id
_entity.type
_entity.pdbx_description
1 polymer 'CymD prenyltransferase'
2 non-polymer 'DIMETHYLALLYL S-THIOLODIPHOSPHATE'
3 non-polymer TRYPTOPHAN
4 non-polymer 'ZINC ION'
5 non-polymer 'CHLORIDE ION'
6 non-polymer 'BENZOIC ACID'
7 water water
#
_entity_poly.entity_id   1
_entity_poly.type   'polypeptide(L)'
_entity_poly.pdbx_seq_one_letter_code
;SNATEELTTVRDACARTLENTARTLHLGASGTEFVAAFRAMTDHWGAARPHDLPLSDVSPDGSPVEYAVDLGGLAPALQF
AMEPLTAGVPARDPLAARAIMPLLAGRYGADATRWSALADRLLPDDAHGPHVSMYGAEVRAGAPIRFKAWFYLNVTGPDG
AFNLLYSALERMGTTHLWPVVQAHVHRAGEDVPFLLSLDLSDDPAARVKVYFRHFAADVEEVAAVLKAYPGFEPGEVRAF
CKVMMGGRRRFSDQPAVTCVSLLDAQTFDRTAATLYVPLWTYAEHDGEVRQRVHRTLAAWPEALYRYDSVLAGIAHRGLD
AGTGIHNYISWQPGRTRPRMKVYLSPEMHDVTPPPLGVSQQHHLSGQTTARGRTE
;
_entity_poly.pdbx_strand_id   A
#
# COMPACT_ATOMS: atom_id res chain seq x y z
N THR A 4 12.54 14.07 19.47
CA THR A 4 11.79 15.15 18.83
C THR A 4 10.56 15.52 19.67
N GLU A 5 10.39 16.81 19.91
CA GLU A 5 9.24 17.31 20.67
C GLU A 5 8.09 17.51 19.70
N GLU A 6 6.99 16.80 19.95
CA GLU A 6 5.85 16.76 19.04
C GLU A 6 4.83 17.83 19.44
N LEU A 7 4.54 18.73 18.53
CA LEU A 7 3.68 19.88 18.80
C LEU A 7 2.34 19.81 18.11
N THR A 8 2.15 18.87 17.20
CA THR A 8 1.06 18.89 16.24
C THR A 8 0.38 17.53 16.23
N THR A 9 -0.95 17.51 16.12
CA THR A 9 -1.62 16.22 15.96
C THR A 9 -1.15 15.54 14.69
N VAL A 10 -1.19 14.21 14.71
CA VAL A 10 -0.92 13.44 13.50
C VAL A 10 -1.83 13.89 12.37
N ARG A 11 -3.12 14.06 12.67
CA ARG A 11 -4.08 14.41 11.64
C ARG A 11 -3.73 15.73 10.98
N ASP A 12 -3.42 16.75 11.78
CA ASP A 12 -3.10 18.06 11.20
C ASP A 12 -1.80 18.03 10.42
N ALA A 13 -0.77 17.36 10.94
CA ALA A 13 0.50 17.32 10.22
C ALA A 13 0.32 16.64 8.86
N CYS A 14 -0.38 15.51 8.83
CA CYS A 14 -0.55 14.80 7.57
C CYS A 14 -1.52 15.51 6.64
N ALA A 15 -2.55 16.14 7.19
CA ALA A 15 -3.48 16.88 6.34
C ALA A 15 -2.78 18.04 5.63
N ARG A 16 -1.87 18.73 6.33
CA ARG A 16 -1.11 19.82 5.70
C ARG A 16 -0.25 19.28 4.58
N THR A 17 0.45 18.17 4.82
CA THR A 17 1.29 17.58 3.78
C THR A 17 0.45 17.13 2.60
N LEU A 18 -0.71 16.53 2.89
CA LEU A 18 -1.57 16.06 1.81
C LEU A 18 -2.08 17.24 0.99
N GLU A 19 -2.45 18.34 1.65
CA GLU A 19 -2.92 19.52 0.95
C GLU A 19 -1.83 20.12 0.07
N ASN A 20 -0.60 20.21 0.60
CA ASN A 20 0.52 20.70 -0.20
C ASN A 20 0.78 19.80 -1.40
N THR A 21 0.71 18.48 -1.19
CA THR A 21 0.94 17.55 -2.29
C THR A 21 -0.15 17.66 -3.34
N ALA A 22 -1.41 17.76 -2.90
CA ALA A 22 -2.52 17.96 -3.84
C ALA A 22 -2.33 19.21 -4.68
N ARG A 23 -1.87 20.30 -4.07
CA ARG A 23 -1.62 21.53 -4.82
C ARG A 23 -0.48 21.34 -5.82
N THR A 24 0.59 20.67 -5.40
CA THR A 24 1.70 20.37 -6.30
C THR A 24 1.22 19.57 -7.52
N LEU A 25 0.25 18.69 -7.32
CA LEU A 25 -0.29 17.85 -8.37
C LEU A 25 -1.45 18.49 -9.11
N HIS A 26 -1.79 19.75 -8.80
CA HIS A 26 -2.80 20.51 -9.51
C HIS A 26 -4.19 19.84 -9.41
N LEU A 27 -4.51 19.30 -8.24
CA LEU A 27 -5.75 18.54 -8.10
C LEU A 27 -6.98 19.42 -7.90
N GLY A 28 -6.80 20.72 -7.68
CA GLY A 28 -7.94 21.61 -7.63
C GLY A 28 -8.97 21.22 -6.60
N ALA A 29 -10.25 21.41 -6.96
CA ALA A 29 -11.34 21.20 -6.00
C ALA A 29 -11.41 19.74 -5.55
N SER A 30 -11.14 18.80 -6.48
CA SER A 30 -11.10 17.40 -6.08
C SER A 30 -10.06 17.18 -4.99
N GLY A 31 -8.91 17.85 -5.10
CA GLY A 31 -7.91 17.77 -4.04
C GLY A 31 -8.43 18.30 -2.72
N THR A 32 -9.15 19.42 -2.75
CA THR A 32 -9.70 19.97 -1.52
C THR A 32 -10.66 19.00 -0.85
N GLU A 33 -11.57 18.41 -1.65
CA GLU A 33 -12.47 17.41 -1.07
C GLU A 33 -11.70 16.21 -0.55
N PHE A 34 -10.60 15.84 -1.22
CA PHE A 34 -9.80 14.70 -0.83
C PHE A 34 -9.16 14.91 0.53
N VAL A 35 -8.65 16.12 0.79
CA VAL A 35 -8.10 16.44 2.10
C VAL A 35 -9.18 16.39 3.17
N ALA A 36 -10.37 16.91 2.85
CA ALA A 36 -11.49 16.82 3.78
C ALA A 36 -11.84 15.38 4.09
N ALA A 37 -11.76 14.49 3.09
CA ALA A 37 -12.02 13.08 3.34
C ALA A 37 -10.96 12.48 4.26
N PHE A 38 -9.69 12.84 4.04
CA PHE A 38 -8.65 12.43 4.97
C PHE A 38 -8.97 12.85 6.40
N ARG A 39 -9.34 14.11 6.59
CA ARG A 39 -9.69 14.57 7.93
C ARG A 39 -10.88 13.81 8.49
N ALA A 40 -11.89 13.53 7.66
CA ALA A 40 -13.04 12.76 8.15
C ALA A 40 -12.62 11.38 8.62
N MET A 41 -11.73 10.71 7.87
CA MET A 41 -11.31 9.36 8.21
C MET A 41 -10.37 9.32 9.41
N THR A 42 -9.73 10.43 9.75
CA THR A 42 -8.78 10.47 10.86
C THR A 42 -9.27 11.29 12.04
N ASP A 43 -10.49 11.81 11.98
CA ASP A 43 -11.03 12.53 13.13
CA ASP A 43 -11.06 12.52 13.12
C ASP A 43 -11.00 11.68 14.38
N HIS A 44 -11.19 10.36 14.24
CA HIS A 44 -11.23 9.46 15.39
C HIS A 44 -9.89 9.35 16.10
N TRP A 45 -8.79 9.78 15.47
CA TRP A 45 -7.51 9.81 16.17
C TRP A 45 -7.51 10.85 17.28
N GLY A 46 -8.48 11.78 17.27
CA GLY A 46 -8.53 12.80 18.31
C GLY A 46 -7.30 13.67 18.30
N ALA A 47 -6.86 14.06 19.50
CA ALA A 47 -5.72 14.97 19.65
C ALA A 47 -4.38 14.28 19.60
N ALA A 48 -4.35 13.01 19.20
CA ALA A 48 -3.13 12.23 19.24
C ALA A 48 -1.99 12.87 18.45
N ARG A 49 -0.84 13.02 19.12
CA ARG A 49 0.46 13.24 18.47
C ARG A 49 1.04 11.89 18.08
N PRO A 50 2.13 11.87 17.30
CA PRO A 50 2.69 10.56 16.91
C PRO A 50 2.97 9.62 18.08
N HIS A 51 3.45 10.14 19.21
CA HIS A 51 3.76 9.28 20.34
C HIS A 51 2.52 8.67 20.97
N ASP A 52 1.32 9.18 20.67
CA ASP A 52 0.10 8.72 21.32
C ASP A 52 -0.52 7.51 20.65
N LEU A 53 -0.30 7.33 19.35
CA LEU A 53 -0.96 6.23 18.66
C LEU A 53 -0.10 4.97 18.75
N PRO A 54 -0.73 3.80 18.76
CA PRO A 54 0.04 2.58 18.61
C PRO A 54 0.86 2.65 17.32
N LEU A 55 2.03 2.02 17.34
CA LEU A 55 2.80 1.94 16.11
C LEU A 55 1.97 1.24 15.03
N SER A 56 2.01 1.81 13.83
CA SER A 56 1.19 1.39 12.72
C SER A 56 1.98 0.48 11.80
N ASP A 57 1.24 -0.30 11.00
CA ASP A 57 1.83 -1.07 9.92
C ASP A 57 1.75 -0.34 8.58
N VAL A 58 1.17 0.86 8.53
CA VAL A 58 1.01 1.56 7.25
C VAL A 58 2.36 1.91 6.65
N SER A 59 3.18 2.63 7.40
CA SER A 59 4.56 2.85 7.01
CA SER A 59 4.57 2.86 7.03
C SER A 59 5.47 2.08 7.96
N PRO A 60 6.58 1.50 7.46
CA PRO A 60 7.41 0.64 8.32
C PRO A 60 7.96 1.32 9.56
N ASP A 61 8.18 2.64 9.56
CA ASP A 61 8.66 3.27 10.80
C ASP A 61 7.60 3.34 11.88
N GLY A 62 6.36 2.93 11.58
CA GLY A 62 5.29 3.01 12.55
C GLY A 62 4.33 4.17 12.34
N SER A 63 4.60 5.05 11.36
CA SER A 63 3.68 6.14 11.06
C SER A 63 2.38 5.57 10.50
N PRO A 64 1.24 6.19 10.82
CA PRO A 64 -0.06 5.61 10.48
C PRO A 64 -0.64 6.12 9.17
N VAL A 65 0.21 6.72 8.32
CA VAL A 65 -0.18 7.23 7.02
C VAL A 65 0.90 6.86 6.04
N GLU A 66 0.50 6.65 4.79
CA GLU A 66 1.41 6.49 3.66
C GLU A 66 0.82 7.25 2.48
N TYR A 67 1.64 8.07 1.84
CA TYR A 67 1.22 8.81 0.66
C TYR A 67 1.62 8.02 -0.57
N ALA A 68 0.81 8.07 -1.62
CA ALA A 68 1.20 7.39 -2.84
C ALA A 68 0.86 8.25 -4.03
N VAL A 69 1.79 8.33 -4.97
CA VAL A 69 1.63 9.18 -6.15
C VAL A 69 1.84 8.35 -7.40
N ASP A 70 0.86 8.39 -8.30
CA ASP A 70 0.94 7.68 -9.56
C ASP A 70 1.84 8.46 -10.51
N LEU A 71 2.91 7.83 -10.95
CA LEU A 71 3.86 8.41 -11.88
C LEU A 71 3.60 7.98 -13.32
N GLY A 72 2.56 7.19 -13.56
CA GLY A 72 2.22 6.75 -14.90
C GLY A 72 1.75 7.89 -15.78
N GLY A 73 1.46 7.54 -17.03
CA GLY A 73 1.22 8.53 -18.07
C GLY A 73 -0.08 9.29 -17.94
N LEU A 74 -1.05 8.74 -17.22
CA LEU A 74 -2.32 9.44 -17.04
C LEU A 74 -2.13 10.65 -16.13
N ALA A 75 -3.18 11.47 -16.05
CA ALA A 75 -3.14 12.66 -15.21
C ALA A 75 -2.76 12.29 -13.78
N PRO A 76 -2.21 13.24 -13.03
CA PRO A 76 -1.74 12.93 -11.68
C PRO A 76 -2.85 12.37 -10.80
N ALA A 77 -2.48 11.38 -9.97
CA ALA A 77 -3.36 10.85 -8.94
C ALA A 77 -2.63 10.86 -7.61
N LEU A 78 -3.37 11.12 -6.54
CA LEU A 78 -2.82 11.14 -5.19
C LEU A 78 -3.62 10.20 -4.31
N GLN A 79 -2.93 9.46 -3.46
CA GLN A 79 -3.56 8.51 -2.55
C GLN A 79 -2.98 8.67 -1.16
N PHE A 80 -3.80 8.37 -0.15
CA PHE A 80 -3.26 8.03 1.16
C PHE A 80 -3.82 6.68 1.59
N ALA A 81 -3.04 5.99 2.41
CA ALA A 81 -3.54 4.91 3.24
C ALA A 81 -3.33 5.32 4.69
N MET A 82 -4.21 4.85 5.56
CA MET A 82 -4.13 5.15 6.98
C MET A 82 -4.58 3.93 7.76
N GLU A 83 -4.32 3.96 9.07
CA GLU A 83 -4.78 2.88 9.94
C GLU A 83 -5.76 3.42 10.97
N PRO A 84 -6.96 2.83 11.07
CA PRO A 84 -7.87 3.19 12.17
C PRO A 84 -7.25 2.77 13.49
N LEU A 85 -7.09 3.75 14.39
CA LEU A 85 -6.36 3.56 15.63
C LEU A 85 -6.92 4.50 16.69
N THR A 86 -6.71 4.11 17.95
CA THR A 86 -7.02 4.96 19.10
C THR A 86 -5.85 4.89 20.05
N ALA A 87 -5.46 6.02 20.63
CA ALA A 87 -4.31 6.07 21.52
C ALA A 87 -4.44 5.03 22.63
N GLY A 88 -3.38 4.23 22.80
CA GLY A 88 -3.34 3.27 23.90
C GLY A 88 -4.17 2.03 23.71
N VAL A 89 -4.83 1.87 22.57
CA VAL A 89 -5.63 0.68 22.26
C VAL A 89 -4.84 -0.14 21.25
N PRO A 90 -4.63 -1.43 21.50
CA PRO A 90 -3.88 -2.23 20.51
C PRO A 90 -4.44 -2.07 19.11
N ALA A 91 -3.54 -1.99 18.13
CA ALA A 91 -3.95 -1.79 16.75
C ALA A 91 -4.87 -2.90 16.27
N ARG A 92 -4.74 -4.11 16.82
CA ARG A 92 -5.57 -5.23 16.39
C ARG A 92 -7.01 -5.13 16.88
N ASP A 93 -7.30 -4.21 17.78
CA ASP A 93 -8.69 -4.01 18.21
C ASP A 93 -9.50 -3.57 16.99
N PRO A 94 -10.67 -4.14 16.75
CA PRO A 94 -11.41 -3.88 15.51
C PRO A 94 -12.38 -2.71 15.54
N LEU A 95 -12.56 -2.02 16.66
CA LEU A 95 -13.64 -1.03 16.74
C LEU A 95 -13.43 0.13 15.77
N ALA A 96 -12.20 0.65 15.68
CA ALA A 96 -11.97 1.77 14.80
C ALA A 96 -12.22 1.41 13.34
N ALA A 97 -11.76 0.22 12.92
CA ALA A 97 -12.00 -0.21 11.53
C ALA A 97 -13.49 -0.41 11.27
N ARG A 98 -14.22 -0.93 12.25
CA ARG A 98 -15.66 -1.11 12.06
C ARG A 98 -16.38 0.22 11.89
N ALA A 99 -15.85 1.29 12.49
CA ALA A 99 -16.51 2.59 12.41
C ALA A 99 -16.25 3.32 11.10
N ILE A 100 -15.16 3.00 10.40
CA ILE A 100 -14.83 3.73 9.18
C ILE A 100 -15.84 3.43 8.08
N MET A 101 -16.23 2.17 7.92
CA MET A 101 -17.11 1.84 6.80
C MET A 101 -18.43 2.61 6.82
N PRO A 102 -19.19 2.64 7.91
CA PRO A 102 -20.44 3.42 7.89
C PRO A 102 -20.20 4.90 7.70
N LEU A 103 -19.05 5.42 8.15
CA LEU A 103 -18.70 6.81 7.88
C LEU A 103 -18.56 7.04 6.38
N LEU A 104 -17.82 6.16 5.70
CA LEU A 104 -17.61 6.32 4.27
C LEU A 104 -18.88 6.08 3.48
N ALA A 105 -19.69 5.10 3.89
CA ALA A 105 -20.94 4.84 3.20
C ALA A 105 -21.90 6.02 3.33
N GLY A 106 -22.03 6.55 4.55
CA GLY A 106 -23.00 7.59 4.81
C GLY A 106 -22.60 8.95 4.26
N ARG A 107 -21.30 9.29 4.35
CA ARG A 107 -20.82 10.59 3.95
C ARG A 107 -20.43 10.66 2.48
N TYR A 108 -19.93 9.55 1.92
CA TYR A 108 -19.44 9.53 0.55
C TYR A 108 -20.14 8.53 -0.35
N GLY A 109 -21.05 7.72 0.18
CA GLY A 109 -21.69 6.73 -0.66
C GLY A 109 -20.80 5.58 -1.06
N ALA A 110 -19.67 5.39 -0.36
CA ALA A 110 -18.85 4.21 -0.61
C ALA A 110 -19.67 2.96 -0.36
N ASP A 111 -19.38 1.91 -1.13
CA ASP A 111 -20.18 0.70 -1.08
C ASP A 111 -19.63 -0.25 -0.03
N ALA A 112 -20.53 -0.78 0.81
CA ALA A 112 -20.16 -1.66 1.91
C ALA A 112 -20.54 -3.12 1.68
N THR A 113 -20.98 -3.48 0.47
CA THR A 113 -21.53 -4.82 0.26
C THR A 113 -20.50 -5.90 0.53
N ARG A 114 -19.36 -5.86 -0.18
CA ARG A 114 -18.33 -6.87 0.07
C ARG A 114 -17.72 -6.71 1.44
N TRP A 115 -17.52 -5.46 1.89
CA TRP A 115 -16.98 -5.21 3.22
C TRP A 115 -17.81 -5.93 4.28
N SER A 116 -19.13 -5.79 4.19
CA SER A 116 -20.02 -6.41 5.18
C SER A 116 -19.96 -7.93 5.13
N ALA A 117 -19.74 -8.52 3.95
CA ALA A 117 -19.59 -9.96 3.88
C ALA A 117 -18.33 -10.45 4.56
N LEU A 118 -17.31 -9.59 4.68
CA LEU A 118 -16.01 -9.98 5.23
C LEU A 118 -15.80 -9.55 6.68
N ALA A 119 -16.54 -8.54 7.16
CA ALA A 119 -16.15 -7.87 8.40
C ALA A 119 -16.15 -8.80 9.60
N ASP A 120 -17.14 -9.68 9.72
CA ASP A 120 -17.19 -10.53 10.90
C ASP A 120 -15.98 -11.47 10.97
N ARG A 121 -15.45 -11.88 9.82
CA ARG A 121 -14.34 -12.81 9.74
C ARG A 121 -12.99 -12.10 9.81
N LEU A 122 -12.86 -10.96 9.14
CA LEU A 122 -11.56 -10.29 9.02
C LEU A 122 -11.36 -9.18 10.04
N LEU A 123 -12.41 -8.72 10.71
CA LEU A 123 -12.32 -7.73 11.79
C LEU A 123 -12.95 -8.30 13.05
N PRO A 124 -12.47 -9.45 13.52
CA PRO A 124 -13.05 -10.05 14.74
C PRO A 124 -12.45 -9.39 15.97
N ASP A 125 -12.96 -9.80 17.14
CA ASP A 125 -12.50 -9.31 18.43
C ASP A 125 -11.21 -9.97 18.90
N ASP A 126 -10.69 -10.95 18.18
CA ASP A 126 -9.64 -11.84 18.69
C ASP A 126 -8.59 -12.09 17.61
N ALA A 127 -8.29 -11.08 16.79
CA ALA A 127 -7.32 -11.27 15.73
C ALA A 127 -5.95 -11.60 16.30
N HIS A 128 -5.25 -12.51 15.61
CA HIS A 128 -3.92 -12.92 16.05
C HIS A 128 -2.88 -11.83 15.83
N GLY A 129 -2.83 -11.27 14.61
CA GLY A 129 -1.74 -10.44 14.18
C GLY A 129 -1.83 -9.07 14.81
N PRO A 130 -0.76 -8.28 14.65
CA PRO A 130 -0.73 -6.97 15.31
C PRO A 130 -1.63 -5.93 14.65
N HIS A 131 -2.12 -6.18 13.43
CA HIS A 131 -2.96 -5.22 12.71
C HIS A 131 -4.11 -5.92 12.05
N VAL A 132 -5.22 -5.17 11.88
CA VAL A 132 -6.41 -5.74 11.24
C VAL A 132 -6.94 -4.91 10.09
N SER A 133 -6.49 -3.67 9.90
CA SER A 133 -7.12 -2.86 8.86
CA SER A 133 -7.06 -2.92 8.80
C SER A 133 -6.19 -1.74 8.41
N MET A 134 -6.29 -1.39 7.12
CA MET A 134 -5.92 -0.09 6.61
C MET A 134 -7.08 0.36 5.73
N TYR A 135 -7.30 1.68 5.65
CA TYR A 135 -8.23 2.23 4.68
C TYR A 135 -7.53 3.34 3.92
N GLY A 136 -8.06 3.66 2.76
CA GLY A 136 -7.41 4.69 1.98
C GLY A 136 -8.35 5.28 0.96
N ALA A 137 -7.80 6.25 0.22
CA ALA A 137 -8.55 6.96 -0.79
C ALA A 137 -7.57 7.42 -1.86
N GLU A 138 -8.06 7.54 -3.09
CA GLU A 138 -7.27 8.01 -4.21
C GLU A 138 -8.12 8.91 -5.07
N VAL A 139 -7.51 9.95 -5.62
CA VAL A 139 -8.27 10.91 -6.42
C VAL A 139 -7.43 11.41 -7.58
N ARG A 140 -8.10 11.72 -8.68
CA ARG A 140 -7.56 12.49 -9.79
C ARG A 140 -8.39 13.76 -9.93
N ALA A 141 -7.78 14.79 -10.50
CA ALA A 141 -8.48 16.04 -10.71
C ALA A 141 -9.75 15.80 -11.51
N GLY A 142 -10.86 16.39 -11.05
CA GLY A 142 -12.13 16.34 -11.74
C GLY A 142 -12.90 15.05 -11.58
N ALA A 143 -12.40 14.08 -10.81
CA ALA A 143 -13.01 12.78 -10.69
C ALA A 143 -13.42 12.50 -9.25
N PRO A 144 -14.36 11.59 -9.04
CA PRO A 144 -14.77 11.23 -7.68
C PRO A 144 -13.65 10.52 -6.93
N ILE A 145 -13.61 10.75 -5.62
CA ILE A 145 -12.68 10.01 -4.77
C ILE A 145 -13.07 8.54 -4.77
N ARG A 146 -12.07 7.67 -4.82
CA ARG A 146 -12.27 6.22 -4.72
C ARG A 146 -11.69 5.73 -3.40
N PHE A 147 -12.48 4.99 -2.65
CA PHE A 147 -12.08 4.52 -1.33
C PHE A 147 -11.75 3.03 -1.36
N LYS A 148 -10.84 2.64 -0.45
CA LYS A 148 -10.29 1.29 -0.42
C LYS A 148 -10.16 0.81 1.01
N ALA A 149 -10.29 -0.51 1.20
CA ALA A 149 -10.01 -1.14 2.47
C ALA A 149 -9.06 -2.31 2.27
N TRP A 150 -8.12 -2.47 3.21
CA TRP A 150 -7.22 -3.61 3.22
C TRP A 150 -7.42 -4.38 4.52
N PHE A 151 -7.48 -5.71 4.40
CA PHE A 151 -7.60 -6.65 5.50
C PHE A 151 -6.36 -7.54 5.55
N TYR A 152 -6.08 -8.08 6.73
CA TYR A 152 -4.90 -8.91 6.98
C TYR A 152 -5.26 -10.39 7.00
N LEU A 153 -4.41 -11.21 6.38
CA LEU A 153 -4.68 -12.63 6.29
C LEU A 153 -4.02 -13.44 7.39
N ASN A 154 -3.40 -12.77 8.37
CA ASN A 154 -2.86 -13.43 9.54
C ASN A 154 -3.81 -13.33 10.74
N VAL A 155 -5.06 -12.94 10.51
CA VAL A 155 -6.03 -12.82 11.61
C VAL A 155 -6.19 -14.15 12.36
N THR A 156 -6.05 -15.27 11.65
CA THR A 156 -6.11 -16.60 12.26
C THR A 156 -4.73 -17.26 12.34
N GLY A 157 -3.70 -16.47 12.59
CA GLY A 157 -2.36 -16.99 12.77
C GLY A 157 -1.53 -16.92 11.52
N PRO A 158 -0.21 -16.98 11.67
CA PRO A 158 0.68 -16.82 10.51
C PRO A 158 0.55 -17.93 9.49
N ASP A 159 0.10 -19.12 9.90
CA ASP A 159 0.00 -20.26 9.01
C ASP A 159 -1.43 -20.52 8.54
N GLY A 160 -2.35 -19.63 8.89
CA GLY A 160 -3.74 -19.76 8.53
C GLY A 160 -4.18 -18.93 7.35
N ALA A 161 -3.25 -18.30 6.62
CA ALA A 161 -3.63 -17.32 5.61
C ALA A 161 -4.40 -17.95 4.45
N PHE A 162 -4.01 -19.15 4.01
CA PHE A 162 -4.74 -19.77 2.91
C PHE A 162 -6.16 -20.14 3.34
N ASN A 163 -6.30 -20.74 4.53
CA ASN A 163 -7.63 -21.12 4.98
C ASN A 163 -8.50 -19.90 5.19
N LEU A 164 -7.94 -18.84 5.77
CA LEU A 164 -8.72 -17.62 6.00
C LEU A 164 -9.09 -16.96 4.67
N LEU A 165 -8.15 -16.89 3.73
CA LEU A 165 -8.46 -16.30 2.44
C LEU A 165 -9.57 -17.07 1.75
N TYR A 166 -9.50 -18.41 1.81
CA TYR A 166 -10.56 -19.19 1.17
C TYR A 166 -11.92 -18.87 1.80
N SER A 167 -11.96 -18.73 3.12
CA SER A 167 -13.22 -18.40 3.76
CA SER A 167 -13.21 -18.38 3.79
C SER A 167 -13.72 -17.02 3.32
N ALA A 168 -12.81 -16.08 3.07
CA ALA A 168 -13.22 -14.79 2.54
C ALA A 168 -13.84 -14.95 1.15
N LEU A 169 -13.22 -15.76 0.29
CA LEU A 169 -13.80 -16.01 -1.02
C LEU A 169 -15.16 -16.69 -0.91
N GLU A 170 -15.31 -17.62 0.03
CA GLU A 170 -16.60 -18.23 0.26
C GLU A 170 -17.66 -17.17 0.53
N ARG A 171 -17.34 -16.22 1.41
CA ARG A 171 -18.32 -15.22 1.81
C ARG A 171 -18.68 -14.29 0.67
N MET A 172 -17.77 -14.10 -0.28
CA MET A 172 -18.02 -13.25 -1.44
C MET A 172 -18.53 -14.01 -2.64
N GLY A 173 -18.60 -15.34 -2.56
CA GLY A 173 -19.06 -16.13 -3.69
C GLY A 173 -18.07 -16.24 -4.82
N THR A 174 -16.77 -16.21 -4.52
CA THR A 174 -15.74 -16.22 -5.56
C THR A 174 -14.72 -17.33 -5.34
N THR A 175 -15.14 -18.46 -4.76
CA THR A 175 -14.18 -19.54 -4.56
C THR A 175 -13.68 -20.12 -5.87
N HIS A 176 -14.42 -19.96 -6.97
CA HIS A 176 -13.96 -20.50 -8.25
C HIS A 176 -12.68 -19.83 -8.74
N LEU A 177 -12.26 -18.74 -8.10
CA LEU A 177 -11.00 -18.10 -8.45
C LEU A 177 -9.84 -18.60 -7.59
N TRP A 178 -10.08 -19.64 -6.79
CA TRP A 178 -9.01 -20.21 -5.96
C TRP A 178 -7.79 -20.62 -6.76
N PRO A 179 -7.90 -21.24 -7.94
CA PRO A 179 -6.69 -21.59 -8.70
C PRO A 179 -5.84 -20.40 -9.08
N VAL A 180 -6.43 -19.20 -9.16
CA VAL A 180 -5.64 -18.00 -9.40
C VAL A 180 -4.69 -17.77 -8.22
N VAL A 181 -5.22 -17.90 -7.00
CA VAL A 181 -4.41 -17.79 -5.79
C VAL A 181 -3.33 -18.87 -5.78
N GLN A 182 -3.73 -20.12 -6.05
CA GLN A 182 -2.80 -21.23 -5.94
C GLN A 182 -1.65 -21.12 -6.94
N ALA A 183 -1.97 -20.79 -8.19
CA ALA A 183 -0.94 -20.75 -9.22
C ALA A 183 0.06 -19.63 -8.98
N HIS A 184 -0.35 -18.60 -8.24
CA HIS A 184 0.54 -17.50 -7.89
C HIS A 184 1.65 -17.94 -6.95
N VAL A 185 1.46 -19.05 -6.23
CA VAL A 185 2.47 -19.61 -5.35
C VAL A 185 3.37 -20.52 -6.17
N HIS A 186 4.61 -20.09 -6.41
CA HIS A 186 5.59 -20.90 -7.13
C HIS A 186 6.56 -21.62 -6.20
N ARG A 187 6.79 -21.12 -4.99
CA ARG A 187 7.69 -21.75 -4.02
C ARG A 187 6.89 -21.95 -2.73
N ALA A 188 6.45 -23.19 -2.49
CA ALA A 188 5.60 -23.46 -1.35
C ALA A 188 6.29 -23.06 -0.05
N GLY A 189 5.56 -22.36 0.82
CA GLY A 189 6.09 -21.91 2.09
C GLY A 189 6.80 -20.57 2.06
N GLU A 190 7.22 -20.12 0.87
CA GLU A 190 7.95 -18.88 0.72
C GLU A 190 7.19 -17.80 -0.02
N ASP A 191 6.24 -18.19 -0.87
CA ASP A 191 5.28 -17.29 -1.49
C ASP A 191 3.99 -17.40 -0.69
N VAL A 192 3.59 -16.32 -0.03
CA VAL A 192 2.44 -16.41 0.88
C VAL A 192 1.49 -15.23 0.74
N PRO A 193 0.18 -15.46 0.75
CA PRO A 193 -0.76 -14.34 0.72
C PRO A 193 -0.81 -13.69 2.11
N PHE A 194 -0.87 -12.36 2.13
CA PHE A 194 -0.85 -11.67 3.41
C PHE A 194 -1.86 -10.55 3.56
N LEU A 195 -2.42 -10.01 2.47
CA LEU A 195 -3.40 -8.95 2.54
C LEU A 195 -4.47 -9.21 1.49
N LEU A 196 -5.65 -8.65 1.75
CA LEU A 196 -6.78 -8.68 0.83
CA LEU A 196 -6.78 -8.68 0.83
C LEU A 196 -7.37 -7.28 0.80
N SER A 197 -7.62 -6.74 -0.39
CA SER A 197 -8.22 -5.40 -0.47
C SER A 197 -9.50 -5.41 -1.29
N LEU A 198 -10.33 -4.41 -0.98
CA LEU A 198 -11.56 -4.12 -1.70
C LEU A 198 -11.55 -2.67 -2.16
N ASP A 199 -11.90 -2.45 -3.42
CA ASP A 199 -12.43 -1.14 -3.82
C ASP A 199 -13.83 -1.02 -3.23
N LEU A 200 -14.07 0.04 -2.46
CA LEU A 200 -15.34 0.23 -1.77
C LEU A 200 -16.33 0.94 -2.68
N SER A 201 -16.74 0.21 -3.71
CA SER A 201 -17.53 0.79 -4.79
C SER A 201 -18.37 -0.31 -5.42
N ASP A 202 -19.55 0.08 -5.91
CA ASP A 202 -20.42 -0.83 -6.65
C ASP A 202 -20.17 -0.79 -8.15
N ASP A 203 -19.16 -0.05 -8.59
CA ASP A 203 -18.84 0.02 -10.01
C ASP A 203 -18.47 -1.36 -10.53
N PRO A 204 -18.79 -1.66 -11.79
CA PRO A 204 -18.39 -2.97 -12.33
C PRO A 204 -16.89 -3.20 -12.33
N ALA A 205 -16.07 -2.16 -12.24
CA ALA A 205 -14.63 -2.29 -12.20
C ALA A 205 -14.07 -2.46 -10.79
N ALA A 206 -14.93 -2.53 -9.78
CA ALA A 206 -14.46 -2.63 -8.41
C ALA A 206 -13.72 -3.94 -8.20
N ARG A 207 -12.54 -3.86 -7.60
CA ARG A 207 -11.63 -4.99 -7.52
C ARG A 207 -11.64 -5.66 -6.15
N VAL A 208 -11.30 -6.95 -6.16
CA VAL A 208 -10.90 -7.72 -5.00
C VAL A 208 -9.48 -8.17 -5.27
N LYS A 209 -8.51 -7.72 -4.46
CA LYS A 209 -7.10 -7.99 -4.72
C LYS A 209 -6.50 -8.81 -3.59
N VAL A 210 -5.65 -9.76 -3.95
CA VAL A 210 -4.89 -10.57 -3.00
C VAL A 210 -3.41 -10.22 -3.16
N TYR A 211 -2.75 -9.91 -2.05
CA TYR A 211 -1.36 -9.50 -2.04
C TYR A 211 -0.53 -10.62 -1.45
N PHE A 212 0.64 -10.84 -2.04
CA PHE A 212 1.53 -11.95 -1.68
C PHE A 212 2.90 -11.41 -1.35
N ARG A 213 3.56 -12.06 -0.39
CA ARG A 213 4.97 -11.84 -0.09
C ARG A 213 5.79 -12.98 -0.69
N HIS A 214 6.97 -12.64 -1.20
CA HIS A 214 7.91 -13.61 -1.77
C HIS A 214 9.19 -13.51 -0.94
N PHE A 215 9.30 -14.39 0.06
CA PHE A 215 10.44 -14.38 0.96
C PHE A 215 11.61 -15.10 0.31
N ALA A 216 12.82 -14.58 0.53
CA ALA A 216 14.04 -15.25 0.09
C ALA A 216 14.03 -15.53 -1.41
N ALA A 217 13.41 -14.66 -2.18
CA ALA A 217 13.20 -14.89 -3.61
C ALA A 217 14.29 -14.17 -4.40
N ASP A 218 14.78 -14.83 -5.45
CA ASP A 218 15.61 -14.08 -6.36
C ASP A 218 14.74 -13.35 -7.39
N VAL A 219 15.35 -12.38 -8.08
CA VAL A 219 14.61 -11.61 -9.07
C VAL A 219 14.04 -12.52 -10.15
N GLU A 220 14.77 -13.56 -10.54
CA GLU A 220 14.26 -14.49 -11.54
C GLU A 220 12.99 -15.17 -11.05
N GLU A 221 12.92 -15.46 -9.74
CA GLU A 221 11.74 -16.11 -9.20
C GLU A 221 10.54 -15.17 -9.17
N VAL A 222 10.77 -13.89 -8.84
CA VAL A 222 9.67 -12.92 -8.90
C VAL A 222 9.18 -12.77 -10.33
N ALA A 223 10.10 -12.68 -11.30
CA ALA A 223 9.68 -12.61 -12.70
C ALA A 223 8.89 -13.84 -13.10
N ALA A 224 9.28 -15.02 -12.59
CA ALA A 224 8.56 -16.24 -12.92
C ALA A 224 7.13 -16.21 -12.39
N VAL A 225 6.92 -15.63 -11.21
CA VAL A 225 5.56 -15.47 -10.68
C VAL A 225 4.73 -14.61 -11.62
N LEU A 226 5.29 -13.51 -12.10
CA LEU A 226 4.51 -12.51 -12.83
C LEU A 226 4.35 -12.81 -14.32
N LYS A 227 5.22 -13.65 -14.89
CA LYS A 227 5.30 -13.81 -16.35
C LYS A 227 3.96 -14.10 -17.00
N ALA A 228 3.15 -14.96 -16.38
CA ALA A 228 1.92 -15.38 -17.04
C ALA A 228 0.83 -14.31 -17.05
N TYR A 229 1.00 -13.23 -16.31
CA TYR A 229 0.00 -12.16 -16.40
C TYR A 229 0.32 -11.27 -17.59
N PRO A 230 -0.69 -10.89 -18.38
CA PRO A 230 -0.43 -10.12 -19.59
C PRO A 230 0.45 -8.90 -19.35
N GLY A 231 1.52 -8.81 -20.13
CA GLY A 231 2.40 -7.66 -20.12
C GLY A 231 3.61 -7.76 -19.22
N PHE A 232 3.68 -8.75 -18.33
CA PHE A 232 4.79 -8.83 -17.38
C PHE A 232 6.00 -9.54 -18.00
N GLU A 233 6.55 -8.89 -19.02
CA GLU A 233 7.67 -9.44 -19.77
C GLU A 233 8.85 -9.68 -18.82
N PRO A 234 9.34 -10.92 -18.70
CA PRO A 234 10.37 -11.18 -17.67
C PRO A 234 11.59 -10.29 -17.76
N GLY A 235 12.12 -10.02 -18.95
CA GLY A 235 13.30 -9.17 -19.03
C GLY A 235 13.06 -7.78 -18.48
N GLU A 236 11.85 -7.25 -18.66
CA GLU A 236 11.54 -5.93 -18.14
C GLU A 236 11.32 -5.97 -16.64
N VAL A 237 10.67 -7.02 -16.14
CA VAL A 237 10.44 -7.17 -14.71
C VAL A 237 11.75 -7.36 -13.97
N ARG A 238 12.62 -8.24 -14.48
CA ARG A 238 13.92 -8.44 -13.84
C ARG A 238 14.73 -7.15 -13.85
N ALA A 239 14.77 -6.44 -14.98
CA ALA A 239 15.54 -5.20 -15.04
C ALA A 239 15.02 -4.17 -14.05
N PHE A 240 13.69 -4.04 -13.93
CA PHE A 240 13.14 -3.07 -13.00
C PHE A 240 13.49 -3.44 -11.56
N CYS A 241 13.35 -4.72 -11.20
CA CYS A 241 13.74 -5.16 -9.86
C CYS A 241 15.21 -4.83 -9.58
N LYS A 242 16.09 -5.12 -10.53
CA LYS A 242 17.51 -4.88 -10.29
C LYS A 242 17.80 -3.39 -10.17
N VAL A 243 17.15 -2.56 -10.99
CA VAL A 243 17.29 -1.11 -10.82
C VAL A 243 16.90 -0.71 -9.41
N MET A 244 15.70 -1.12 -8.98
CA MET A 244 15.17 -0.64 -7.71
C MET A 244 15.83 -1.30 -6.51
N MET A 245 16.57 -2.38 -6.71
CA MET A 245 17.35 -3.08 -5.69
CA MET A 245 17.33 -2.97 -5.61
C MET A 245 18.83 -2.72 -5.73
N GLY A 246 19.23 -1.78 -6.58
CA GLY A 246 20.65 -1.45 -6.66
C GLY A 246 21.52 -2.60 -7.14
N GLY A 247 21.01 -3.40 -8.07
CA GLY A 247 21.78 -4.49 -8.64
C GLY A 247 21.72 -5.78 -7.87
N ARG A 248 21.07 -5.80 -6.70
CA ARG A 248 20.92 -7.04 -5.96
C ARG A 248 19.99 -7.98 -6.70
N ARG A 249 20.28 -9.27 -6.60
CA ARG A 249 19.50 -10.30 -7.25
C ARG A 249 18.55 -11.03 -6.32
N ARG A 250 18.65 -10.80 -5.01
CA ARG A 250 17.88 -11.55 -4.02
C ARG A 250 17.18 -10.61 -3.05
N PHE A 251 15.89 -10.89 -2.81
CA PHE A 251 15.15 -10.27 -1.71
C PHE A 251 15.49 -11.01 -0.43
N SER A 252 16.66 -10.67 0.14
CA SER A 252 17.25 -11.45 1.21
C SER A 252 16.67 -11.18 2.59
N ASP A 253 16.00 -10.04 2.78
CA ASP A 253 15.31 -9.83 4.05
C ASP A 253 13.86 -9.45 3.80
N GLN A 254 13.62 -8.22 3.41
CA GLN A 254 12.27 -7.76 3.11
C GLN A 254 11.75 -8.48 1.87
N PRO A 255 10.58 -9.12 1.94
CA PRO A 255 10.07 -9.85 0.78
C PRO A 255 9.63 -8.92 -0.34
N ALA A 256 9.78 -9.40 -1.58
CA ALA A 256 9.07 -8.75 -2.67
C ALA A 256 7.57 -8.95 -2.46
N VAL A 257 6.78 -8.03 -3.02
CA VAL A 257 5.33 -8.13 -2.95
C VAL A 257 4.76 -8.12 -4.37
N THR A 258 3.77 -8.97 -4.60
CA THR A 258 2.96 -8.91 -5.82
C THR A 258 1.50 -8.96 -5.41
N CYS A 259 0.61 -8.65 -6.35
CA CYS A 259 -0.81 -8.87 -6.09
C CYS A 259 -1.49 -9.30 -7.37
N VAL A 260 -2.70 -9.83 -7.20
CA VAL A 260 -3.55 -10.21 -8.31
C VAL A 260 -4.94 -9.70 -8.03
N SER A 261 -5.53 -9.06 -9.03
CA SER A 261 -6.92 -8.61 -9.01
C SER A 261 -7.77 -9.79 -9.47
N LEU A 262 -8.48 -10.41 -8.53
CA LEU A 262 -9.09 -11.71 -8.80
C LEU A 262 -10.11 -11.65 -9.93
N LEU A 263 -10.93 -10.61 -9.97
CA LEU A 263 -11.99 -10.54 -10.99
C LEU A 263 -11.47 -10.09 -12.35
N ASP A 264 -10.17 -9.80 -12.45
CA ASP A 264 -9.52 -9.52 -13.72
C ASP A 264 -8.67 -10.68 -14.22
N ALA A 265 -8.51 -11.73 -13.42
CA ALA A 265 -7.60 -12.79 -13.82
C ALA A 265 -8.13 -13.63 -14.98
N GLN A 266 -9.45 -13.70 -15.14
CA GLN A 266 -10.04 -14.52 -16.19
C GLN A 266 -10.67 -13.68 -17.31
N THR A 267 -10.35 -12.39 -17.39
CA THR A 267 -10.98 -11.53 -18.38
C THR A 267 -10.06 -11.04 -19.49
N PHE A 268 -8.75 -11.33 -19.45
CA PHE A 268 -7.82 -10.91 -20.50
C PHE A 268 -8.10 -9.48 -20.97
N ASP A 269 -8.29 -8.59 -20.00
CA ASP A 269 -8.59 -7.19 -20.29
C ASP A 269 -7.59 -6.29 -19.56
N ARG A 270 -7.94 -5.77 -18.39
CA ARG A 270 -6.94 -5.12 -17.54
C ARG A 270 -6.02 -6.19 -16.97
N THR A 271 -4.70 -5.97 -17.02
CA THR A 271 -3.83 -7.00 -16.44
C THR A 271 -4.12 -7.13 -14.95
N ALA A 272 -4.11 -8.37 -14.48
CA ALA A 272 -4.58 -8.61 -13.14
C ALA A 272 -3.51 -8.36 -12.10
N ALA A 273 -2.26 -8.19 -12.47
CA ALA A 273 -1.17 -8.26 -11.51
C ALA A 273 -0.44 -6.93 -11.36
N THR A 274 0.25 -6.79 -10.22
CA THR A 274 1.11 -5.66 -9.92
C THR A 274 2.31 -6.17 -9.15
N LEU A 275 3.46 -5.54 -9.38
CA LEU A 275 4.67 -5.77 -8.62
C LEU A 275 4.92 -4.59 -7.68
N TYR A 276 5.31 -4.88 -6.43
CA TYR A 276 5.69 -3.85 -5.47
C TYR A 276 7.08 -4.16 -4.93
N VAL A 277 8.03 -3.27 -5.18
CA VAL A 277 9.40 -3.43 -4.70
C VAL A 277 9.57 -2.60 -3.42
N PRO A 278 9.89 -3.23 -2.29
CA PRO A 278 10.15 -2.46 -1.07
C PRO A 278 11.50 -1.76 -1.15
N LEU A 279 11.58 -0.57 -0.56
CA LEU A 279 12.68 0.35 -0.84
C LEU A 279 13.52 0.75 0.37
N TRP A 280 13.20 0.30 1.58
CA TRP A 280 13.89 0.82 2.77
C TRP A 280 14.97 -0.08 3.33
N THR A 281 15.14 -1.31 2.81
CA THR A 281 16.13 -2.23 3.35
C THR A 281 17.26 -2.59 2.40
N TYR A 282 17.17 -2.23 1.12
CA TYR A 282 18.18 -2.63 0.14
C TYR A 282 18.97 -1.42 -0.38
N ALA A 283 19.15 -0.41 0.47
CA ALA A 283 19.83 0.82 0.13
C ALA A 283 20.38 1.40 1.43
N GLU A 284 21.42 2.22 1.30
CA GLU A 284 21.92 2.87 2.50
C GLU A 284 21.06 4.06 2.90
N HIS A 285 20.44 4.73 1.93
CA HIS A 285 19.63 5.90 2.27
C HIS A 285 18.72 6.24 1.11
N ASP A 286 17.81 7.17 1.38
CA ASP A 286 16.81 7.60 0.42
C ASP A 286 17.41 8.39 -0.75
N GLY A 287 18.61 8.95 -0.59
CA GLY A 287 19.26 9.57 -1.73
C GLY A 287 19.60 8.54 -2.78
N GLU A 288 20.10 7.40 -2.36
CA GLU A 288 20.37 6.29 -3.28
C GLU A 288 19.08 5.77 -3.90
N VAL A 289 18.02 5.64 -3.10
CA VAL A 289 16.74 5.22 -3.67
C VAL A 289 16.28 6.19 -4.75
N ARG A 290 16.43 7.50 -4.50
CA ARG A 290 16.04 8.49 -5.50
C ARG A 290 16.81 8.30 -6.80
N GLN A 291 18.10 8.00 -6.72
CA GLN A 291 18.87 7.71 -7.93
C GLN A 291 18.23 6.57 -8.71
N ARG A 292 17.77 5.54 -8.01
CA ARG A 292 17.14 4.40 -8.69
C ARG A 292 15.82 4.81 -9.34
N VAL A 293 15.00 5.60 -8.65
CA VAL A 293 13.76 6.08 -9.26
C VAL A 293 14.07 6.88 -10.52
N HIS A 294 15.05 7.77 -10.44
CA HIS A 294 15.41 8.54 -11.62
C HIS A 294 15.86 7.63 -12.75
N ARG A 295 16.64 6.59 -12.43
CA ARG A 295 17.13 5.70 -13.48
C ARG A 295 15.96 5.02 -14.19
N THR A 296 14.97 4.55 -13.44
CA THR A 296 13.85 3.88 -14.11
CA THR A 296 13.83 3.88 -14.08
C THR A 296 12.95 4.85 -14.85
N LEU A 297 12.92 6.14 -14.46
CA LEU A 297 12.09 7.14 -15.09
C LEU A 297 12.84 7.96 -16.14
N ALA A 298 14.11 7.66 -16.39
CA ALA A 298 14.95 8.58 -17.16
C ALA A 298 14.39 8.85 -18.54
N ALA A 299 13.71 7.87 -19.14
CA ALA A 299 13.11 8.06 -20.46
C ALA A 299 11.91 9.00 -20.44
N TRP A 300 11.36 9.33 -19.27
CA TRP A 300 10.13 10.10 -19.17
C TRP A 300 10.28 11.26 -18.19
N PRO A 301 10.83 12.39 -18.64
CA PRO A 301 11.08 13.52 -17.73
C PRO A 301 9.83 14.03 -17.00
N GLU A 302 8.64 13.96 -17.61
CA GLU A 302 7.43 14.39 -16.91
C GLU A 302 7.23 13.61 -15.61
N ALA A 303 7.48 12.30 -15.65
CA ALA A 303 7.29 11.48 -14.47
C ALA A 303 8.37 11.80 -13.43
N LEU A 304 9.59 12.05 -13.89
CA LEU A 304 10.67 12.39 -12.98
C LEU A 304 10.39 13.70 -12.24
N TYR A 305 9.89 14.71 -12.96
CA TYR A 305 9.62 16.00 -12.32
C TYR A 305 8.45 15.90 -11.33
N ARG A 306 7.41 15.15 -11.68
CA ARG A 306 6.31 14.91 -10.75
C ARG A 306 6.83 14.25 -9.47
N TYR A 307 7.67 13.23 -9.64
CA TYR A 307 8.24 12.52 -8.50
C TYR A 307 9.08 13.45 -7.62
N ASP A 308 10.02 14.19 -8.21
CA ASP A 308 10.86 15.07 -7.41
C ASP A 308 10.02 16.10 -6.67
N SER A 309 8.99 16.62 -7.33
CA SER A 309 8.17 17.66 -6.71
C SER A 309 7.41 17.12 -5.50
N VAL A 310 6.82 15.94 -5.63
CA VAL A 310 6.09 15.33 -4.50
CA VAL A 310 6.10 15.40 -4.48
C VAL A 310 7.06 14.96 -3.38
N LEU A 311 8.20 14.38 -3.74
CA LEU A 311 9.17 13.99 -2.72
C LEU A 311 9.61 15.20 -1.90
N ALA A 312 9.87 16.33 -2.57
CA ALA A 312 10.34 17.51 -1.87
C ALA A 312 9.36 17.99 -0.80
N GLY A 313 8.06 17.81 -1.02
CA GLY A 313 7.07 18.23 -0.05
C GLY A 313 6.78 17.24 1.05
N ILE A 314 7.32 16.02 0.95
CA ILE A 314 7.07 14.98 1.93
C ILE A 314 8.31 14.68 2.77
N ALA A 315 9.48 14.63 2.15
CA ALA A 315 10.72 14.49 2.93
C ALA A 315 10.90 15.69 3.84
N HIS A 316 11.38 15.45 5.06
CA HIS A 316 11.63 16.53 6.00
C HIS A 316 12.99 16.38 6.68
N ARG A 317 13.93 15.72 6.01
CA ARG A 317 15.32 15.67 6.42
C ARG A 317 16.14 15.33 5.19
N GLY A 318 17.46 15.42 5.31
CA GLY A 318 18.32 15.14 4.18
C GLY A 318 18.14 13.69 3.74
N LEU A 319 18.06 13.48 2.42
CA LEU A 319 17.80 12.14 1.92
C LEU A 319 18.89 11.16 2.31
N ASP A 320 20.12 11.62 2.48
CA ASP A 320 21.23 10.73 2.78
C ASP A 320 21.33 10.34 4.26
N ALA A 321 20.40 10.77 5.11
CA ALA A 321 20.50 10.45 6.53
C ALA A 321 20.16 9.00 6.83
N GLY A 322 19.48 8.33 5.93
CA GLY A 322 19.04 6.96 6.14
C GLY A 322 17.88 6.67 5.21
N THR A 323 17.27 5.50 5.40
CA THR A 323 16.11 5.12 4.62
C THR A 323 14.83 5.39 5.40
N GLY A 324 13.70 5.10 4.76
CA GLY A 324 12.40 5.20 5.40
C GLY A 324 11.47 6.19 4.77
N ILE A 325 11.96 7.12 3.95
CA ILE A 325 11.01 7.99 3.26
C ILE A 325 10.30 7.23 2.16
N HIS A 326 11.05 6.46 1.37
CA HIS A 326 10.47 5.61 0.33
C HIS A 326 10.07 4.27 0.95
N ASN A 327 8.80 3.90 0.80
CA ASN A 327 8.36 2.59 1.23
C ASN A 327 8.40 1.58 0.08
N TYR A 328 7.76 1.91 -1.04
CA TYR A 328 7.62 0.99 -2.16
C TYR A 328 7.58 1.78 -3.45
N ILE A 329 7.88 1.09 -4.55
CA ILE A 329 7.47 1.52 -5.87
C ILE A 329 6.82 0.33 -6.55
N SER A 330 5.70 0.59 -7.24
CA SER A 330 5.01 -0.48 -7.97
C SER A 330 5.29 -0.39 -9.46
N TRP A 331 4.99 -1.49 -10.15
CA TRP A 331 5.20 -1.57 -11.59
C TRP A 331 4.09 -2.41 -12.21
N GLN A 332 3.54 -1.89 -13.30
CA GLN A 332 2.65 -2.60 -14.22
C GLN A 332 3.01 -2.13 -15.61
N PRO A 333 2.80 -2.95 -16.63
CA PRO A 333 2.92 -2.44 -17.99
C PRO A 333 1.91 -1.32 -18.19
N GLY A 334 2.28 -0.36 -19.04
CA GLY A 334 1.42 0.78 -19.32
C GLY A 334 1.50 1.21 -20.76
N ARG A 335 0.76 2.27 -21.07
CA ARG A 335 0.62 2.72 -22.47
CA ARG A 335 0.62 2.72 -22.47
C ARG A 335 1.84 3.49 -22.95
N THR A 336 2.02 4.72 -22.45
CA THR A 336 3.16 5.52 -22.90
C THR A 336 4.41 5.27 -22.08
N ARG A 337 4.28 4.52 -20.99
CA ARG A 337 5.36 4.11 -20.11
C ARG A 337 4.75 3.15 -19.10
N PRO A 338 5.57 2.38 -18.38
CA PRO A 338 5.00 1.54 -17.33
C PRO A 338 4.24 2.41 -16.35
N ARG A 339 3.20 1.84 -15.77
CA ARG A 339 2.49 2.50 -14.69
C ARG A 339 3.25 2.20 -13.40
N MET A 340 3.78 3.24 -12.78
CA MET A 340 4.49 3.12 -11.52
C MET A 340 3.89 4.07 -10.50
N LYS A 341 3.74 3.61 -9.28
CA LYS A 341 3.23 4.40 -8.18
C LYS A 341 4.28 4.36 -7.09
N VAL A 342 4.62 5.51 -6.52
CA VAL A 342 5.61 5.58 -5.47
CA VAL A 342 5.62 5.60 -5.46
C VAL A 342 4.91 5.84 -4.13
N TYR A 343 5.34 5.11 -3.10
CA TYR A 343 4.73 5.10 -1.78
C TYR A 343 5.73 5.68 -0.80
N LEU A 344 5.32 6.74 -0.08
CA LEU A 344 6.21 7.52 0.76
C LEU A 344 5.64 7.66 2.17
N SER A 345 6.54 7.68 3.15
CA SER A 345 6.15 7.78 4.53
C SER A 345 6.26 9.21 5.05
N PRO A 346 5.39 9.61 5.97
CA PRO A 346 5.56 10.90 6.65
C PRO A 346 6.71 10.90 7.63
N GLU A 347 7.30 9.74 7.89
CA GLU A 347 8.47 9.58 8.77
C GLU A 347 8.29 10.36 10.08
N MET A 348 7.29 9.94 10.84
CA MET A 348 7.07 10.53 12.15
C MET A 348 7.85 9.83 13.24
N HIS A 349 8.55 8.75 12.91
CA HIS A 349 9.33 8.03 13.91
C HIS A 349 10.79 7.93 13.47
N ASP A 350 11.42 6.78 13.61
CA ASP A 350 12.87 6.72 13.45
C ASP A 350 13.29 6.49 12.00
N VAL A 351 14.37 7.16 11.61
CA VAL A 351 14.99 6.91 10.32
C VAL A 351 15.50 5.47 10.25
N THR A 352 15.49 4.91 9.05
CA THR A 352 15.97 3.57 8.72
C THR A 352 15.21 2.49 9.48
N PRO A 353 13.97 2.22 9.08
CA PRO A 353 13.20 1.17 9.73
C PRO A 353 13.82 -0.19 9.47
N PRO A 354 13.53 -1.17 10.32
CA PRO A 354 14.02 -2.53 10.11
C PRO A 354 13.21 -3.23 9.02
N PRO A 355 13.69 -4.37 8.54
CA PRO A 355 12.83 -5.22 7.70
C PRO A 355 11.50 -5.48 8.40
N LEU A 356 10.46 -5.59 7.58
CA LEU A 356 9.07 -5.84 7.98
C LEU A 356 8.41 -4.57 8.51
N GLY A 357 9.08 -3.89 9.41
CA GLY A 357 8.56 -2.71 10.07
C GLY A 357 8.71 -2.82 11.57
N VAL A 358 8.72 -1.69 12.27
CA VAL A 358 8.95 -1.73 13.71
CA VAL A 358 8.94 -1.70 13.71
C VAL A 358 7.85 -2.52 14.41
N SER A 359 6.60 -2.34 13.99
CA SER A 359 5.51 -3.04 14.67
C SER A 359 5.59 -4.55 14.42
N GLN A 360 5.77 -4.96 13.17
CA GLN A 360 5.90 -6.39 12.89
C GLN A 360 7.07 -7.00 13.65
N GLN A 361 8.22 -6.32 13.68
CA GLN A 361 9.36 -6.86 14.42
C GLN A 361 9.03 -7.03 15.89
N HIS A 362 8.34 -6.06 16.48
CA HIS A 362 7.97 -6.19 17.88
C HIS A 362 7.03 -7.37 18.09
N HIS A 363 6.08 -7.56 17.19
CA HIS A 363 5.17 -8.70 17.30
C HIS A 363 5.93 -10.01 17.25
N LEU A 364 6.86 -10.13 16.30
CA LEU A 364 7.56 -11.40 16.12
C LEU A 364 8.57 -11.65 17.24
N SER A 365 9.08 -10.59 17.86
CA SER A 365 10.01 -10.68 18.98
C SER A 365 11.37 -11.19 18.51
#